data_4XFS
#
_entry.id   4XFS
#
_cell.length_a   32.982
_cell.length_b   42.258
_cell.length_c   52.343
_cell.angle_alpha   77.80
_cell.angle_beta   83.63
_cell.angle_gamma   67.13
#
_symmetry.space_group_name_H-M   'P 1'
#
loop_
_entity.id
_entity.type
_entity.pdbx_description
1 polymer Interleukin-18
2 non-polymer 'DIMETHYL SULFOXIDE'
3 non-polymer GLYCEROL
4 water water
#
_entity_poly.entity_id   1
_entity_poly.type   'polypeptide(L)'
_entity_poly.pdbx_seq_one_letter_code
;YFGKLESKLSVIRNLNDQVLFIDQGNRPLFEDMTDSDCRDNAPRTIFIISMYKDSQPRGMAVTISVKCEKISTLSCENKI
ISFKEMNPPDNIKDTKSDIIFFQRSVPGHDNKMQFESSSYEGYFLACEKERDLFKLILAAADAAGDRSIMFTVQNED
;
_entity_poly.pdbx_strand_id   A,B
#
loop_
_chem_comp.id
_chem_comp.type
_chem_comp.name
_chem_comp.formula
DMS non-polymer 'DIMETHYL SULFOXIDE' 'C2 H6 O S'
GOL non-polymer GLYCEROL 'C3 H8 O3'
#
# COMPACT_ATOMS: atom_id res chain seq x y z
N TYR A 1 -21.15 9.09 1.71
CA TYR A 1 -20.60 10.33 1.13
C TYR A 1 -19.89 11.14 2.20
N PHE A 2 -18.73 11.69 1.87
CA PHE A 2 -18.01 12.55 2.81
C PHE A 2 -17.78 13.93 2.19
N GLY A 3 -18.03 14.97 2.96
CA GLY A 3 -17.78 16.33 2.52
C GLY A 3 -16.79 17.07 3.40
N LYS A 4 -15.81 17.69 2.78
CA LYS A 4 -14.73 18.34 3.51
C LYS A 4 -15.22 19.58 4.25
N LEU A 5 -14.83 19.73 5.52
CA LEU A 5 -15.32 20.84 6.35
C LEU A 5 -14.28 21.86 6.76
N GLU A 6 -13.26 21.44 7.49
CA GLU A 6 -12.25 22.36 8.02
C GLU A 6 -11.01 21.58 8.39
N SER A 7 -9.85 22.20 8.34
CA SER A 7 -8.61 21.50 8.60
C SER A 7 -7.82 22.18 9.68
N LYS A 8 -6.93 21.44 10.31
CA LYS A 8 -6.08 21.93 11.35
C LYS A 8 -4.70 21.34 11.23
N LEU A 9 -3.68 22.11 11.61
CA LEU A 9 -2.31 21.63 11.63
C LEU A 9 -2.07 20.95 12.95
N SER A 10 -1.34 19.85 12.92
CA SER A 10 -1.04 19.14 14.17
C SER A 10 0.18 18.27 14.05
N VAL A 11 0.81 18.09 15.21
CA VAL A 11 1.90 17.15 15.35
C VAL A 11 1.29 15.90 15.97
N ILE A 12 1.74 14.74 15.51
CA ILE A 12 1.20 13.47 15.98
C ILE A 12 2.31 12.66 16.64
N ARG A 13 2.04 12.24 17.88
CA ARG A 13 3.00 11.45 18.63
C ARG A 13 2.39 10.11 18.99
N ASN A 14 3.23 9.08 19.02
CA ASN A 14 2.85 7.78 19.58
C ASN A 14 2.97 7.83 21.10
N LEU A 15 2.74 6.73 21.79
CA LEU A 15 2.70 6.82 23.23
C LEU A 15 4.07 6.97 23.84
N ASN A 16 5.08 6.55 23.12
CA ASN A 16 6.45 6.86 23.50
C ASN A 16 6.86 8.34 23.27
N ASP A 17 5.89 9.20 22.92
CA ASP A 17 6.14 10.61 22.60
C ASP A 17 7.04 10.83 21.37
N GLN A 18 7.19 9.82 20.52
CA GLN A 18 7.94 10.01 19.28
C GLN A 18 7.05 10.67 18.27
N VAL A 19 7.65 11.53 17.45
CA VAL A 19 6.93 12.36 16.49
C VAL A 19 6.78 11.64 15.16
N LEU A 20 5.57 11.63 14.62
CA LEU A 20 5.33 11.10 13.27
C LEU A 20 5.89 12.06 12.24
N PHE A 21 6.61 11.52 11.27
CA PHE A 21 7.11 12.33 10.17
C PHE A 21 7.17 11.51 8.89
N ILE A 22 7.12 12.20 7.76
CA ILE A 22 7.29 11.54 6.47
C ILE A 22 8.78 11.63 6.12
N ASP A 23 9.38 10.47 5.88
CA ASP A 23 10.81 10.41 5.62
C ASP A 23 11.12 10.58 4.12
N GLN A 24 12.40 10.57 3.79
CA GLN A 24 12.91 10.78 2.41
C GLN A 24 12.27 9.85 1.38
N GLY A 25 11.96 8.61 1.77
CA GLY A 25 11.28 7.65 0.91
C GLY A 25 9.78 7.74 0.91
N ASN A 26 9.26 8.80 1.47
CA ASN A 26 7.84 8.93 1.52
C ASN A 26 7.17 7.89 2.36
N ARG A 27 7.83 7.48 3.41
CA ARG A 27 7.22 6.57 4.31
C ARG A 27 7.08 7.16 5.71
N PRO A 28 5.97 6.85 6.35
CA PRO A 28 5.64 7.40 7.65
C PRO A 28 6.38 6.67 8.78
N LEU A 29 7.24 7.40 9.49
CA LEU A 29 7.98 6.85 10.62
C LEU A 29 7.79 7.71 11.88
N PHE A 30 8.19 7.16 13.01
CA PHE A 30 8.26 7.88 14.28
C PHE A 30 9.71 7.98 14.72
N GLU A 31 10.09 9.14 15.24
CA GLU A 31 11.42 9.36 15.77
C GLU A 31 11.34 10.27 16.99
N ASP A 32 12.21 10.07 17.96
CA ASP A 32 12.36 11.01 19.06
C ASP A 32 12.85 12.34 18.53
N MET A 33 12.08 13.38 18.84
CA MET A 33 12.40 14.73 18.41
C MET A 33 12.10 15.68 19.55
N THR A 34 12.96 16.67 19.74
CA THR A 34 12.63 17.77 20.61
C THR A 34 11.62 18.63 19.84
N ASP A 35 10.98 19.55 20.56
CA ASP A 35 10.06 20.52 19.95
C ASP A 35 10.74 21.28 18.81
N SER A 36 12.00 21.64 19.02
CA SER A 36 12.77 22.38 18.03
C SER A 36 13.09 21.51 16.83
N ASP A 37 13.45 20.25 17.05
CA ASP A 37 13.56 19.29 15.93
C ASP A 37 12.27 19.29 15.12
N CYS A 38 11.19 19.14 15.82
CA CYS A 38 9.91 19.11 15.24
C CYS A 38 9.68 20.28 14.33
N ARG A 39 9.81 21.45 14.88
CA ARG A 39 9.60 22.67 14.16
C ARG A 39 10.56 22.87 12.98
N ASP A 40 11.82 22.54 13.15
CA ASP A 40 12.81 22.68 12.08
C ASP A 40 12.65 21.65 10.95
N ASN A 41 11.98 20.54 11.25
CA ASN A 41 11.68 19.55 10.23
C ASN A 41 10.27 19.69 9.69
N ALA A 42 9.62 20.81 10.00
CA ALA A 42 8.41 21.18 9.30
C ALA A 42 8.86 21.48 7.87
N PRO A 43 8.04 21.12 6.88
CA PRO A 43 6.69 20.56 6.96
C PRO A 43 6.59 19.02 7.00
N ARG A 44 7.69 18.30 7.22
CA ARG A 44 7.63 16.83 7.23
C ARG A 44 7.05 16.25 8.54
N THR A 45 6.89 17.12 9.53
CA THR A 45 6.41 16.73 10.85
C THR A 45 5.05 17.32 11.16
N ILE A 46 4.55 18.17 10.29
CA ILE A 46 3.32 18.87 10.59
C ILE A 46 2.21 18.31 9.72
N PHE A 47 1.25 17.62 10.34
CA PHE A 47 0.18 16.98 9.58
C PHE A 47 -1.06 17.84 9.55
N ILE A 48 -1.79 17.73 8.45
CA ILE A 48 -3.01 18.46 8.25
C ILE A 48 -4.10 17.44 8.49
N ILE A 49 -4.92 17.67 9.50
CA ILE A 49 -6.05 16.79 9.78
C ILE A 49 -7.30 17.53 9.30
N SER A 50 -7.92 16.97 8.28
CA SER A 50 -9.12 17.59 7.68
C SER A 50 -10.37 16.83 8.10
N MET A 51 -11.33 17.57 8.64
CA MET A 51 -12.60 16.99 9.07
C MET A 51 -13.58 16.95 7.92
N TYR A 52 -14.35 15.87 7.87
CA TYR A 52 -15.36 15.65 6.85
C TYR A 52 -16.70 15.36 7.49
N LYS A 53 -17.79 15.78 6.87
CA LYS A 53 -19.10 15.34 7.28
C LYS A 53 -19.32 14.01 6.63
N ASP A 54 -20.14 13.18 7.25
CA ASP A 54 -20.35 11.81 6.82
C ASP A 54 -21.85 11.58 6.72
N SER A 55 -22.31 11.15 5.54
CA SER A 55 -23.74 10.86 5.36
C SER A 55 -24.18 9.60 6.14
N GLN A 56 -23.23 8.81 6.61
CA GLN A 56 -23.51 7.64 7.42
C GLN A 56 -22.66 7.72 8.72
N PRO A 57 -23.06 8.59 9.67
CA PRO A 57 -22.19 8.93 10.81
C PRO A 57 -21.72 7.75 11.67
N ARG A 58 -20.41 7.56 11.74
CA ARG A 58 -19.80 6.52 12.57
C ARG A 58 -18.68 7.09 13.40
N GLY A 59 -18.56 8.40 13.45
CA GLY A 59 -17.51 9.05 14.23
C GLY A 59 -17.01 10.29 13.53
N MET A 60 -15.92 10.84 14.04
CA MET A 60 -15.32 12.02 13.44
C MET A 60 -14.47 11.57 12.28
N ALA A 61 -14.95 11.79 11.05
CA ALA A 61 -14.22 11.39 9.85
C ALA A 61 -13.13 12.40 9.53
N VAL A 62 -11.91 11.92 9.30
CA VAL A 62 -10.79 12.78 8.98
C VAL A 62 -9.92 12.19 7.86
N THR A 63 -9.26 13.06 7.10
CA THR A 63 -8.07 12.69 6.34
C THR A 63 -6.85 13.26 7.06
N ILE A 64 -5.71 12.64 6.82
CA ILE A 64 -4.45 13.07 7.36
C ILE A 64 -3.51 13.29 6.15
N SER A 65 -2.96 14.50 6.04
CA SER A 65 -2.08 14.79 4.91
C SER A 65 -0.87 15.59 5.38
N VAL A 66 0.09 15.79 4.48
CA VAL A 66 1.35 16.41 4.83
C VAL A 66 1.94 16.99 3.56
N LYS A 67 2.62 18.12 3.68
CA LYS A 67 3.10 18.85 2.51
C LYS A 67 4.58 18.70 2.38
N CYS A 68 5.04 17.49 2.07
CA CYS A 68 6.46 17.20 1.92
C CYS A 68 7.05 17.84 0.66
N GLU A 69 6.66 17.36 -0.51
CA GLU A 69 7.07 17.96 -1.76
C GLU A 69 5.85 18.51 -2.44
N LYS A 70 4.86 17.67 -2.68
CA LYS A 70 3.54 18.14 -2.97
C LYS A 70 2.75 17.65 -1.79
N ILE A 71 1.45 17.89 -1.75
CA ILE A 71 0.61 17.34 -0.69
C ILE A 71 0.40 15.85 -0.93
N SER A 72 0.61 15.09 0.12
CA SER A 72 0.37 13.66 0.11
C SER A 72 -0.60 13.33 1.20
N THR A 73 -1.49 12.38 0.92
CA THR A 73 -2.56 12.01 1.83
C THR A 73 -2.35 10.57 2.26
N LEU A 74 -2.56 10.34 3.56
CA LEU A 74 -2.37 9.03 4.13
C LEU A 74 -3.46 8.06 3.63
N SER A 75 -3.05 6.87 3.20
CA SER A 75 -3.98 5.84 2.70
C SER A 75 -3.78 4.52 3.42
N CYS A 76 -4.82 3.76 3.65
CA CYS A 76 -4.63 2.41 4.12
C CYS A 76 -5.18 1.40 3.11
N GLU A 77 -5.10 1.73 1.83
CA GLU A 77 -5.54 0.91 0.69
C GLU A 77 -4.94 -0.51 0.75
N ASN A 78 -5.80 -1.51 0.60
CA ASN A 78 -5.42 -2.92 0.64
C ASN A 78 -4.81 -3.36 1.99
N LYS A 79 -5.20 -2.68 3.07
CA LYS A 79 -4.66 -2.86 4.44
C LYS A 79 -3.20 -2.55 4.67
N ILE A 80 -2.61 -1.72 3.83
CA ILE A 80 -1.23 -1.33 4.02
C ILE A 80 -1.18 0.20 4.00
N ILE A 81 -0.30 0.76 4.82
CA ILE A 81 -0.14 2.21 4.93
C ILE A 81 0.78 2.73 3.86
N SER A 82 0.33 3.74 3.14
CA SER A 82 1.18 4.46 2.22
C SER A 82 0.62 5.86 2.02
N PHE A 83 1.40 6.70 1.38
CA PHE A 83 0.96 8.03 1.03
C PHE A 83 0.59 8.07 -0.44
N LYS A 84 -0.55 8.69 -0.74
CA LYS A 84 -0.90 9.03 -2.10
C LYS A 84 -0.66 10.52 -2.34
N GLU A 85 0.00 10.85 -3.43
CA GLU A 85 0.19 12.24 -3.77
C GLU A 85 -1.12 12.82 -4.29
N MET A 86 -1.87 13.46 -3.39
CA MET A 86 -3.15 14.06 -3.71
C MET A 86 -3.56 14.98 -2.57
N ASN A 87 -4.37 15.98 -2.89
CA ASN A 87 -4.99 16.83 -1.90
C ASN A 87 -6.16 16.13 -1.33
N PRO A 88 -6.44 16.34 -0.05
CA PRO A 88 -7.70 15.81 0.46
C PRO A 88 -8.86 16.39 -0.37
N PRO A 89 -9.64 15.52 -0.99
CA PRO A 89 -10.64 16.01 -1.92
C PRO A 89 -11.82 16.73 -1.25
N ASP A 90 -12.50 17.58 -2.02
CA ASP A 90 -13.65 18.33 -1.51
C ASP A 90 -14.77 17.39 -1.09
N ASN A 91 -14.87 16.28 -1.80
CA ASN A 91 -15.77 15.25 -1.38
C ASN A 91 -15.28 13.89 -1.85
N ILE A 92 -15.86 12.86 -1.23
CA ILE A 92 -15.60 11.48 -1.53
C ILE A 92 -16.98 10.84 -1.65
N LYS A 93 -17.25 10.17 -2.76
CA LYS A 93 -18.59 9.68 -3.04
C LYS A 93 -19.02 8.49 -2.19
N ASP A 94 -18.07 7.63 -1.80
CA ASP A 94 -18.41 6.37 -1.11
C ASP A 94 -18.58 6.55 0.38
N THR A 95 -19.17 5.54 1.04
CA THR A 95 -19.21 5.51 2.51
C THR A 95 -17.95 4.92 3.12
N LYS A 96 -17.21 4.12 2.36
CA LYS A 96 -15.90 3.62 2.77
C LYS A 96 -14.82 4.24 1.90
N SER A 97 -13.78 4.76 2.52
CA SER A 97 -12.65 5.34 1.80
C SER A 97 -11.30 4.99 2.45
N ASP A 98 -10.34 4.65 1.60
CA ASP A 98 -8.99 4.33 2.03
C ASP A 98 -8.22 5.53 2.60
N ILE A 99 -8.72 6.75 2.39
CA ILE A 99 -8.11 7.92 3.01
C ILE A 99 -8.92 8.51 4.16
N ILE A 100 -10.08 7.94 4.47
CA ILE A 100 -10.89 8.40 5.60
C ILE A 100 -10.71 7.49 6.83
N PHE A 101 -10.34 8.09 7.95
CA PHE A 101 -10.25 7.41 9.24
C PHE A 101 -11.21 8.07 10.20
N PHE A 102 -11.67 7.32 11.18
CA PHE A 102 -12.46 7.88 12.25
C PHE A 102 -11.59 8.14 13.46
N GLN A 103 -11.48 9.41 13.83
CA GLN A 103 -10.70 9.81 15.00
C GLN A 103 -11.57 9.64 16.22
N ARG A 104 -11.11 8.83 17.17
CA ARG A 104 -11.88 8.53 18.39
C ARG A 104 -11.04 8.78 19.63
N SER A 105 -11.67 9.38 20.64
CA SER A 105 -11.09 9.48 21.96
C SER A 105 -10.90 8.06 22.52
N VAL A 106 -9.73 7.78 23.08
CA VAL A 106 -9.43 6.46 23.63
C VAL A 106 -10.18 6.25 24.95
N PRO A 107 -11.08 5.24 25.01
CA PRO A 107 -11.83 4.99 26.25
C PRO A 107 -10.92 4.88 27.45
N GLY A 108 -11.26 5.58 28.52
CA GLY A 108 -10.41 5.64 29.71
C GLY A 108 -9.17 6.49 29.55
N HIS A 109 -9.14 7.33 28.50
CA HIS A 109 -8.10 8.36 28.29
C HIS A 109 -8.70 9.50 27.47
N ASP A 110 -9.13 10.57 28.13
CA ASP A 110 -9.65 11.76 27.42
C ASP A 110 -8.68 12.29 26.33
N ASN A 111 -7.39 12.33 26.67
CA ASN A 111 -6.38 13.02 25.85
C ASN A 111 -5.66 12.19 24.77
N LYS A 112 -5.93 10.91 24.66
CA LYS A 112 -5.32 10.14 23.59
C LYS A 112 -6.34 9.78 22.54
N MET A 113 -5.86 9.63 21.30
CA MET A 113 -6.71 9.35 20.13
C MET A 113 -6.34 8.06 19.40
N GLN A 114 -7.34 7.41 18.82
CA GLN A 114 -7.19 6.32 17.84
C GLN A 114 -7.69 6.80 16.48
N PHE A 115 -7.19 6.21 15.41
CA PHE A 115 -7.70 6.46 14.08
C PHE A 115 -8.12 5.14 13.44
N GLU A 116 -9.43 4.90 13.39
CA GLU A 116 -9.98 3.65 12.80
C GLU A 116 -10.20 3.81 11.30
N SER A 117 -9.74 2.84 10.52
CA SER A 117 -10.03 2.77 9.08
C SER A 117 -11.55 2.70 8.82
N SER A 118 -12.04 3.59 7.94
CA SER A 118 -13.40 3.50 7.45
C SER A 118 -13.59 2.34 6.45
N SER A 119 -12.51 1.98 5.76
CA SER A 119 -12.51 0.90 4.80
C SER A 119 -12.53 -0.46 5.47
N TYR A 120 -11.73 -0.60 6.52
CA TYR A 120 -11.55 -1.85 7.20
C TYR A 120 -11.89 -1.69 8.69
N GLU A 121 -13.14 -1.98 9.01
CA GLU A 121 -13.62 -1.81 10.37
C GLU A 121 -12.79 -2.68 11.29
N GLY A 122 -12.43 -2.13 12.45
CA GLY A 122 -11.63 -2.85 13.43
C GLY A 122 -10.13 -2.82 13.19
N TYR A 123 -9.72 -2.11 12.14
CA TYR A 123 -8.31 -1.88 11.84
C TYR A 123 -7.99 -0.42 12.13
N PHE A 124 -6.81 -0.19 12.70
CA PHE A 124 -6.41 1.13 13.20
C PHE A 124 -4.98 1.49 12.80
N LEU A 125 -4.71 2.79 12.69
CA LEU A 125 -3.32 3.24 12.64
C LEU A 125 -2.58 2.78 13.89
N ALA A 126 -1.35 2.32 13.74
CA ALA A 126 -0.53 1.88 14.87
C ALA A 126 0.97 2.12 14.66
N CYS A 127 1.71 2.06 15.74
CA CYS A 127 3.12 2.09 15.68
C CYS A 127 3.68 0.71 15.95
N GLU A 128 4.56 0.25 15.10
CA GLU A 128 5.22 -1.03 15.24
C GLU A 128 6.71 -0.83 15.09
N LYS A 129 7.47 -1.38 16.02
CA LYS A 129 8.91 -1.46 15.88
C LYS A 129 9.29 -2.50 14.86
N GLU A 130 10.12 -2.10 13.91
CA GLU A 130 10.64 -3.00 12.90
C GLU A 130 12.14 -2.81 12.81
N ARG A 131 12.87 -3.76 13.35
CA ARG A 131 14.29 -3.59 13.44
C ARG A 131 14.56 -2.38 14.29
N ASP A 132 15.14 -1.39 13.67
CA ASP A 132 15.59 -0.17 14.32
C ASP A 132 14.61 0.97 14.07
N LEU A 133 13.58 0.72 13.28
CA LEU A 133 12.64 1.77 12.91
C LEU A 133 11.29 1.58 13.60
N PHE A 134 10.64 2.70 13.89
CA PHE A 134 9.28 2.71 14.38
C PHE A 134 8.43 3.18 13.23
N LYS A 135 7.57 2.30 12.75
CA LYS A 135 6.78 2.54 11.55
C LYS A 135 5.32 2.79 11.91
N LEU A 136 4.65 3.58 11.09
CA LEU A 136 3.20 3.64 11.09
C LEU A 136 2.67 2.50 10.21
N ILE A 137 1.72 1.74 10.73
CA ILE A 137 1.12 0.58 10.04
C ILE A 137 -0.39 0.60 10.25
N LEU A 138 -1.13 -0.28 9.56
CA LEU A 138 -2.55 -0.51 9.86
C LEU A 138 -2.61 -1.83 10.61
N ALA A 139 -3.23 -1.84 11.78
CA ALA A 139 -3.29 -3.05 12.58
C ALA A 139 -4.71 -3.33 13.06
N ALA A 140 -5.08 -4.62 13.12
CA ALA A 140 -6.35 -5.02 13.70
C ALA A 140 -6.19 -4.83 15.19
N ALA A 141 -7.14 -4.16 15.84
CA ALA A 141 -7.09 -4.02 17.29
C ALA A 141 -8.48 -4.18 17.85
N ASP A 142 -8.63 -5.11 18.79
CA ASP A 142 -9.93 -5.39 19.42
C ASP A 142 -10.08 -4.76 20.81
N ALA A 143 -8.96 -4.45 21.47
CA ALA A 143 -8.94 -4.02 22.87
C ALA A 143 -8.66 -2.52 23.01
N ALA A 144 -9.44 -1.84 23.86
CA ALA A 144 -9.31 -0.39 24.05
C ALA A 144 -8.01 -0.02 24.75
N GLY A 145 -7.46 -0.94 25.52
CA GLY A 145 -6.17 -0.73 26.18
C GLY A 145 -4.96 -0.92 25.28
N ASP A 146 -5.15 -1.24 24.01
CA ASP A 146 -4.01 -1.45 23.10
C ASP A 146 -3.19 -0.16 22.90
N ARG A 147 -1.96 -0.15 23.42
CA ARG A 147 -1.13 1.06 23.46
C ARG A 147 -0.54 1.40 22.10
N SER A 148 -0.44 0.41 21.22
CA SER A 148 0.13 0.63 19.91
C SER A 148 -0.73 1.53 19.00
N ILE A 149 -2.03 1.64 19.29
CA ILE A 149 -2.94 2.42 18.45
C ILE A 149 -3.32 3.78 19.06
N MET A 150 -2.61 4.19 20.10
CA MET A 150 -2.92 5.43 20.83
C MET A 150 -1.94 6.50 20.41
N PHE A 151 -2.46 7.68 20.14
CA PHE A 151 -1.66 8.80 19.70
C PHE A 151 -2.06 10.04 20.48
N THR A 152 -1.10 10.95 20.64
CA THR A 152 -1.37 12.32 21.06
C THR A 152 -1.44 13.23 19.81
N VAL A 153 -2.48 14.05 19.73
CA VAL A 153 -2.62 15.02 18.65
C VAL A 153 -2.58 16.42 19.25
N GLN A 154 -1.53 17.17 18.99
CA GLN A 154 -1.47 18.53 19.50
C GLN A 154 -1.77 19.50 18.37
N ASN A 155 -2.67 20.41 18.65
CA ASN A 155 -3.02 21.44 17.72
C ASN A 155 -1.81 22.28 17.37
N GLU A 156 -1.74 22.72 16.12
CA GLU A 156 -0.60 23.34 15.50
C GLU A 156 0.74 22.85 15.99
N TYR B 1 21.57 -5.47 -3.43
CA TYR B 1 21.34 -4.21 -4.20
C TYR B 1 20.69 -4.55 -5.54
N PHE B 2 19.69 -3.78 -5.93
CA PHE B 2 19.03 -3.98 -7.24
C PHE B 2 19.13 -2.71 -8.06
N GLY B 3 19.49 -2.85 -9.34
CA GLY B 3 19.59 -1.70 -10.25
C GLY B 3 18.67 -1.84 -11.45
N LYS B 4 17.88 -0.81 -11.72
CA LYS B 4 16.86 -0.88 -12.76
C LYS B 4 17.48 -0.92 -14.16
N LEU B 5 16.98 -1.82 -15.01
CA LEU B 5 17.59 -2.00 -16.34
C LEU B 5 16.70 -1.64 -17.51
N GLU B 6 15.53 -2.24 -17.61
CA GLU B 6 14.69 -2.06 -18.79
C GLU B 6 13.29 -2.53 -18.44
N SER B 7 12.29 -1.94 -19.06
CA SER B 7 10.91 -2.28 -18.76
C SER B 7 10.14 -2.64 -20.01
N LYS B 8 9.06 -3.38 -19.84
CA LYS B 8 8.19 -3.75 -20.93
C LYS B 8 6.76 -3.72 -20.48
N LEU B 9 5.85 -3.47 -21.39
CA LEU B 9 4.42 -3.50 -21.13
C LEU B 9 3.95 -4.93 -21.29
N SER B 10 3.02 -5.35 -20.44
CA SER B 10 2.45 -6.68 -20.58
C SER B 10 1.10 -6.84 -19.92
N VAL B 11 0.35 -7.78 -20.46
CA VAL B 11 -0.90 -8.22 -19.89
C VAL B 11 -0.61 -9.53 -19.15
N ILE B 12 -1.23 -9.70 -17.99
CA ILE B 12 -0.98 -10.86 -17.15
C ILE B 12 -2.26 -11.65 -16.99
N ARG B 13 -2.21 -12.92 -17.31
CA ARG B 13 -3.34 -13.81 -17.19
C ARG B 13 -3.03 -14.95 -16.25
N ASN B 14 -4.04 -15.39 -15.53
CA ASN B 14 -3.96 -16.63 -14.72
C ASN B 14 -4.19 -17.83 -15.63
N LEU B 15 -4.21 -19.04 -15.08
CA LEU B 15 -4.29 -20.22 -15.93
C LEU B 15 -5.65 -20.38 -16.59
N ASN B 16 -6.68 -19.82 -15.99
CA ASN B 16 -8.00 -19.72 -16.60
C ASN B 16 -8.11 -18.66 -17.71
N ASP B 17 -6.99 -18.08 -18.09
CA ASP B 17 -6.97 -17.03 -19.09
C ASP B 17 -7.69 -15.75 -18.68
N GLN B 18 -7.92 -15.55 -17.39
CA GLN B 18 -8.52 -14.30 -16.91
C GLN B 18 -7.43 -13.25 -16.79
N VAL B 19 -7.77 -12.01 -17.11
CA VAL B 19 -6.83 -10.89 -17.17
C VAL B 19 -6.71 -10.22 -15.81
N LEU B 20 -5.48 -9.98 -15.37
CA LEU B 20 -5.25 -9.20 -14.15
C LEU B 20 -5.57 -7.74 -14.44
N PHE B 21 -6.32 -7.13 -13.53
CA PHE B 21 -6.59 -5.70 -13.64
C PHE B 21 -6.79 -5.08 -12.27
N ILE B 22 -6.56 -3.79 -12.21
CA ILE B 22 -6.79 -3.03 -11.01
C ILE B 22 -8.19 -2.49 -11.06
N ASP B 23 -9.03 -2.84 -10.10
CA ASP B 23 -10.41 -2.33 -10.08
C ASP B 23 -10.45 -0.91 -9.51
N GLN B 24 -11.64 -0.32 -9.46
CA GLN B 24 -11.84 1.07 -9.01
C GLN B 24 -11.24 1.36 -7.61
N GLY B 25 -11.26 0.37 -6.72
CA GLY B 25 -10.63 0.49 -5.40
C GLY B 25 -9.14 0.15 -5.35
N ASN B 26 -8.49 0.10 -6.51
CA ASN B 26 -7.12 -0.40 -6.62
C ASN B 26 -6.93 -1.82 -6.01
N ARG B 27 -7.94 -2.67 -6.14
CA ARG B 27 -7.81 -4.08 -5.77
C ARG B 27 -7.39 -4.86 -7.00
N PRO B 28 -6.31 -5.67 -6.90
CA PRO B 28 -5.92 -6.47 -8.07
C PRO B 28 -6.81 -7.71 -8.17
N LEU B 29 -7.58 -7.79 -9.25
CA LEU B 29 -8.47 -8.92 -9.50
C LEU B 29 -8.19 -9.53 -10.86
N PHE B 30 -8.76 -10.72 -11.07
CA PHE B 30 -8.79 -11.34 -12.38
C PHE B 30 -10.24 -11.41 -12.86
N GLU B 31 -10.42 -11.12 -14.15
CA GLU B 31 -11.72 -11.21 -14.77
C GLU B 31 -11.56 -11.72 -16.20
N ASP B 32 -12.55 -12.46 -16.67
CA ASP B 32 -12.62 -12.80 -18.08
C ASP B 32 -12.81 -11.54 -18.92
N MET B 33 -11.90 -11.35 -19.87
CA MET B 33 -11.93 -10.21 -20.76
C MET B 33 -11.55 -10.70 -22.15
N THR B 34 -12.21 -10.17 -23.17
CA THR B 34 -11.74 -10.32 -24.54
C THR B 34 -10.51 -9.41 -24.70
N ASP B 35 -9.78 -9.59 -25.79
CA ASP B 35 -8.65 -8.73 -26.14
C ASP B 35 -9.06 -7.26 -26.18
N SER B 36 -10.25 -7.01 -26.72
CA SER B 36 -10.76 -5.65 -26.85
C SER B 36 -11.13 -5.08 -25.49
N ASP B 37 -11.77 -5.87 -24.65
CA ASP B 37 -12.09 -5.43 -23.31
C ASP B 37 -10.79 -4.98 -22.70
N CYS B 38 -9.81 -5.81 -22.87
CA CYS B 38 -8.53 -5.63 -22.28
C CYS B 38 -7.91 -4.30 -22.71
N ARG B 39 -7.85 -4.10 -24.00
CA ARG B 39 -7.29 -2.91 -24.59
C ARG B 39 -8.02 -1.67 -24.17
N ASP B 40 -9.33 -1.73 -24.13
CA ASP B 40 -10.16 -0.58 -23.74
C ASP B 40 -10.11 -0.26 -22.26
N ASN B 41 -9.70 -1.23 -21.45
CA ASN B 41 -9.52 -0.99 -20.01
C ASN B 41 -8.08 -0.72 -19.66
N ALA B 42 -7.26 -0.47 -20.68
CA ALA B 42 -5.95 0.07 -20.45
C ALA B 42 -6.19 1.49 -19.92
N PRO B 43 -5.37 1.96 -18.97
CA PRO B 43 -4.17 1.34 -18.43
C PRO B 43 -4.36 0.47 -17.17
N ARG B 44 -5.58 0.09 -16.83
CA ARG B 44 -5.82 -0.76 -15.63
C ARG B 44 -5.53 -2.24 -15.86
N THR B 45 -5.27 -2.61 -17.10
CA THR B 45 -4.99 -3.98 -17.48
C THR B 45 -3.58 -4.14 -17.99
N ILE B 46 -2.84 -3.04 -18.15
CA ILE B 46 -1.52 -3.11 -18.77
C ILE B 46 -0.46 -2.89 -17.72
N PHE B 47 0.29 -3.94 -17.41
CA PHE B 47 1.33 -3.86 -16.38
C PHE B 47 2.71 -3.59 -16.97
N ILE B 48 3.53 -2.89 -16.22
CA ILE B 48 4.88 -2.55 -16.59
C ILE B 48 5.74 -3.49 -15.77
N ILE B 49 6.48 -4.34 -16.45
CA ILE B 49 7.42 -5.23 -15.78
C ILE B 49 8.82 -4.68 -16.01
N SER B 50 9.46 -4.27 -14.93
CA SER B 50 10.79 -3.69 -14.98
C SER B 50 11.83 -4.67 -14.45
N MET B 51 12.87 -4.92 -15.25
CA MET B 51 13.96 -5.81 -14.91
C MET B 51 15.04 -5.07 -14.15
N TYR B 52 15.60 -5.74 -13.15
CA TYR B 52 16.63 -5.18 -12.29
C TYR B 52 17.82 -6.12 -12.26
N LYS B 53 19.01 -5.57 -12.18
CA LYS B 53 20.20 -6.34 -11.88
C LYS B 53 20.25 -6.55 -10.40
N ASP B 54 20.76 -7.69 -9.97
CA ASP B 54 20.75 -8.10 -8.57
C ASP B 54 22.21 -8.42 -8.18
N SER B 55 22.71 -7.76 -7.13
CA SER B 55 24.09 -8.02 -6.66
C SER B 55 24.21 -9.40 -6.01
N GLN B 56 23.08 -10.02 -5.71
CA GLN B 56 23.05 -11.36 -5.17
C GLN B 56 22.09 -12.18 -6.04
N PRO B 57 22.53 -12.57 -7.26
CA PRO B 57 21.63 -13.20 -8.24
C PRO B 57 20.89 -14.46 -7.75
N ARG B 58 19.57 -14.39 -7.75
CA ARG B 58 18.70 -15.50 -7.39
C ARG B 58 17.59 -15.68 -8.42
N GLY B 59 17.72 -15.04 -9.57
CA GLY B 59 16.73 -15.17 -10.63
C GLY B 59 16.57 -13.86 -11.36
N MET B 60 15.56 -13.79 -12.20
CA MET B 60 15.24 -12.54 -12.90
C MET B 60 14.44 -11.67 -11.94
N ALA B 61 15.06 -10.62 -11.42
CA ALA B 61 14.40 -9.69 -10.50
C ALA B 61 13.57 -8.68 -11.29
N VAL B 62 12.32 -8.51 -10.87
CA VAL B 62 11.40 -7.58 -11.52
C VAL B 62 10.57 -6.81 -10.52
N THR B 63 10.15 -5.60 -10.89
CA THR B 63 8.99 -4.94 -10.28
C THR B 63 7.84 -5.01 -11.29
N ILE B 64 6.63 -4.91 -10.76
CA ILE B 64 5.42 -4.88 -11.53
C ILE B 64 4.70 -3.60 -11.14
N SER B 65 4.41 -2.75 -12.12
CA SER B 65 3.74 -1.50 -11.82
C SER B 65 2.61 -1.26 -12.82
N VAL B 66 1.80 -0.25 -12.55
CA VAL B 66 0.62 0.00 -13.38
C VAL B 66 0.31 1.47 -13.23
N LYS B 67 -0.18 2.09 -14.28
CA LYS B 67 -0.37 3.52 -14.28
C LYS B 67 -1.82 3.80 -14.19
N CYS B 68 -2.40 3.44 -13.07
CA CYS B 68 -3.82 3.53 -12.86
C CYS B 68 -4.30 4.96 -12.63
N GLU B 69 -3.73 5.64 -11.66
CA GLU B 69 -4.10 7.01 -11.34
C GLU B 69 -2.83 7.84 -11.53
N LYS B 70 -1.84 7.56 -10.69
CA LYS B 70 -0.42 7.80 -10.93
C LYS B 70 0.24 6.42 -10.95
N ILE B 71 1.50 6.32 -11.25
CA ILE B 71 2.15 5.03 -11.23
C ILE B 71 2.20 4.47 -9.84
N SER B 72 1.80 3.21 -9.74
CA SER B 72 1.80 2.48 -8.51
C SER B 72 2.56 1.19 -8.74
N THR B 73 3.29 0.77 -7.71
CA THR B 73 4.12 -0.43 -7.81
C THR B 73 3.59 -1.52 -6.88
N LEU B 74 3.54 -2.75 -7.38
CA LEU B 74 3.00 -3.90 -6.66
C LEU B 74 3.91 -4.22 -5.48
N SER B 75 3.32 -4.41 -4.33
CA SER B 75 4.02 -4.76 -3.10
C SER B 75 3.44 -5.98 -2.41
N CYS B 76 4.29 -6.79 -1.80
CA CYS B 76 3.84 -7.89 -1.00
C CYS B 76 4.15 -7.67 0.49
N GLU B 77 4.26 -6.42 0.88
CA GLU B 77 4.56 -6.03 2.26
C GLU B 77 3.56 -6.71 3.25
N ASN B 78 4.10 -7.30 4.33
CA ASN B 78 3.26 -7.97 5.35
CA ASN B 78 3.31 -7.99 5.36
C ASN B 78 2.53 -9.19 4.79
N LYS B 79 3.11 -9.81 3.75
CA LYS B 79 2.51 -10.96 3.06
C LYS B 79 1.11 -10.72 2.47
N ILE B 80 0.79 -9.48 2.16
CA ILE B 80 -0.47 -9.17 1.46
C ILE B 80 -0.15 -8.27 0.32
N ILE B 81 -1.05 -8.27 -0.62
CA ILE B 81 -0.82 -7.60 -1.87
C ILE B 81 -1.42 -6.17 -1.88
N SER B 82 -0.58 -5.20 -2.16
CA SER B 82 -0.98 -3.81 -2.17
C SER B 82 -0.18 -3.09 -3.21
N PHE B 83 -0.57 -1.84 -3.44
CA PHE B 83 0.13 -0.99 -4.35
C PHE B 83 0.68 0.23 -3.63
N LYS B 84 1.96 0.53 -3.82
CA LYS B 84 2.58 1.75 -3.36
C LYS B 84 2.60 2.75 -4.47
N GLU B 85 2.20 3.97 -4.22
CA GLU B 85 2.21 4.97 -5.25
C GLU B 85 3.62 5.49 -5.41
N MET B 86 4.32 4.89 -6.34
CA MET B 86 5.71 5.22 -6.57
C MET B 86 6.10 4.65 -7.91
N ASN B 87 7.07 5.26 -8.54
CA ASN B 87 7.66 4.68 -9.69
C ASN B 87 8.65 3.64 -9.25
N PRO B 88 8.85 2.63 -10.06
CA PRO B 88 9.90 1.67 -9.73
C PRO B 88 11.22 2.41 -9.64
N PRO B 89 11.91 2.29 -8.51
CA PRO B 89 13.05 3.17 -8.27
C PRO B 89 14.26 2.77 -9.11
N ASP B 90 15.18 3.68 -9.32
CA ASP B 90 16.35 3.38 -10.10
C ASP B 90 17.24 2.39 -9.41
N ASN B 91 17.20 2.40 -8.11
CA ASN B 91 17.83 1.33 -7.38
C ASN B 91 17.14 1.08 -6.05
N ILE B 92 17.45 -0.07 -5.49
CA ILE B 92 16.95 -0.51 -4.20
C ILE B 92 18.20 -1.02 -3.46
N LYS B 93 18.44 -0.49 -2.26
CA LYS B 93 19.69 -0.78 -1.55
C LYS B 93 19.78 -2.19 -0.99
N ASP B 94 18.64 -2.78 -0.62
CA ASP B 94 18.65 -4.06 0.10
C ASP B 94 18.68 -5.24 -0.85
N THR B 95 19.00 -6.43 -0.30
CA THR B 95 18.87 -7.66 -1.08
C THR B 95 17.45 -8.24 -1.04
N LYS B 96 16.66 -7.88 -0.03
CA LYS B 96 15.24 -8.23 0.02
C LYS B 96 14.39 -6.97 -0.13
N SER B 97 13.40 -7.02 -1.00
CA SER B 97 12.49 -5.90 -1.22
C SER B 97 11.03 -6.34 -1.44
N ASP B 98 10.10 -5.66 -0.78
CA ASP B 98 8.67 -5.95 -0.88
C ASP B 98 8.12 -5.65 -2.28
N ILE B 99 8.88 -4.96 -3.12
CA ILE B 99 8.47 -4.71 -4.50
C ILE B 99 9.27 -5.50 -5.54
N ILE B 100 10.27 -6.26 -5.12
CA ILE B 100 11.04 -7.11 -6.03
C ILE B 100 10.56 -8.58 -5.96
N PHE B 101 10.21 -9.12 -7.12
CA PHE B 101 9.83 -10.51 -7.27
C PHE B 101 10.80 -11.13 -8.25
N PHE B 102 11.01 -12.43 -8.11
CA PHE B 102 11.78 -13.17 -9.09
C PHE B 102 10.84 -13.87 -10.07
N GLN B 103 10.93 -13.47 -11.34
CA GLN B 103 10.14 -14.10 -12.41
C GLN B 103 10.84 -15.36 -12.85
N ARG B 104 10.14 -16.48 -12.76
CA ARG B 104 10.71 -17.77 -13.12
C ARG B 104 9.84 -18.50 -14.11
N SER B 105 10.48 -19.13 -15.09
CA SER B 105 9.80 -20.08 -15.98
C SER B 105 9.30 -21.25 -15.13
N VAL B 106 8.05 -21.66 -15.34
CA VAL B 106 7.46 -22.78 -14.60
C VAL B 106 8.04 -24.11 -15.09
N PRO B 107 8.74 -24.86 -14.22
CA PRO B 107 9.31 -26.15 -14.63
C PRO B 107 8.28 -27.05 -15.31
N GLY B 108 8.65 -27.60 -16.46
CA GLY B 108 7.72 -28.39 -17.25
C GLY B 108 6.68 -27.57 -17.99
N HIS B 109 6.90 -26.25 -18.10
CA HIS B 109 6.09 -25.33 -18.92
C HIS B 109 6.96 -24.15 -19.33
N ASP B 110 7.54 -24.21 -20.54
CA ASP B 110 8.33 -23.08 -21.07
C ASP B 110 7.58 -21.73 -20.99
N ASN B 111 6.30 -21.74 -21.33
CA ASN B 111 5.52 -20.51 -21.54
C ASN B 111 4.76 -19.93 -20.33
N LYS B 112 4.81 -20.57 -19.18
CA LYS B 112 4.15 -20.07 -17.98
C LYS B 112 5.14 -19.54 -16.98
N MET B 113 4.78 -18.50 -16.26
CA MET B 113 5.66 -17.84 -15.29
C MET B 113 5.12 -17.86 -13.86
N GLN B 114 6.05 -17.90 -12.91
CA GLN B 114 5.79 -17.65 -11.48
C GLN B 114 6.49 -16.35 -11.08
N PHE B 115 5.98 -15.70 -10.04
CA PHE B 115 6.65 -14.53 -9.45
C PHE B 115 6.88 -14.78 -7.97
N GLU B 116 8.12 -15.10 -7.60
CA GLU B 116 8.45 -15.37 -6.19
C GLU B 116 8.86 -14.11 -5.44
N SER B 117 8.29 -13.90 -4.26
CA SER B 117 8.68 -12.78 -3.40
C SER B 117 10.16 -12.88 -3.01
N SER B 118 10.91 -11.78 -3.21
CA SER B 118 12.26 -11.69 -2.68
C SER B 118 12.28 -11.51 -1.17
N SER B 119 11.22 -10.92 -0.63
CA SER B 119 11.10 -10.68 0.82
C SER B 119 10.77 -11.94 1.57
N TYR B 120 9.88 -12.74 1.01
CA TYR B 120 9.37 -13.93 1.66
C TYR B 120 9.63 -15.12 0.74
N GLU B 121 10.77 -15.77 0.93
CA GLU B 121 11.15 -16.90 0.08
C GLU B 121 10.08 -17.96 0.21
N GLY B 122 9.75 -18.57 -0.93
CA GLY B 122 8.76 -19.63 -0.96
C GLY B 122 7.33 -19.15 -1.05
N TYR B 123 7.15 -17.82 -1.12
CA TYR B 123 5.84 -17.21 -1.32
C TYR B 123 5.81 -16.62 -2.69
N PHE B 124 4.65 -16.75 -3.33
CA PHE B 124 4.46 -16.41 -4.74
C PHE B 124 3.15 -15.64 -4.99
N LEU B 125 3.14 -14.80 -6.01
CA LEU B 125 1.87 -14.25 -6.49
C LEU B 125 0.95 -15.41 -6.91
N ALA B 126 -0.30 -15.30 -6.58
CA ALA B 126 -1.27 -16.32 -6.92
C ALA B 126 -2.69 -15.81 -7.11
N CYS B 127 -3.51 -16.63 -7.72
CA CYS B 127 -4.91 -16.40 -7.87
C CYS B 127 -5.70 -17.27 -6.90
N GLU B 128 -6.52 -16.65 -6.11
CA GLU B 128 -7.37 -17.33 -5.18
C GLU B 128 -8.78 -16.91 -5.44
N LYS B 129 -9.66 -17.90 -5.60
CA LYS B 129 -11.08 -17.63 -5.65
C LYS B 129 -11.58 -17.31 -4.25
N GLU B 130 -12.31 -16.23 -4.16
CA GLU B 130 -12.89 -15.80 -2.92
C GLU B 130 -14.33 -15.52 -3.21
N ARG B 131 -15.13 -16.54 -2.97
CA ARG B 131 -16.55 -16.45 -3.24
C ARG B 131 -16.67 -16.17 -4.70
N ASP B 132 -17.24 -15.04 -4.98
CA ASP B 132 -17.48 -14.63 -6.33
C ASP B 132 -16.32 -13.97 -7.11
N LEU B 133 -15.23 -13.64 -6.44
CA LEU B 133 -14.11 -12.95 -7.04
C LEU B 133 -12.83 -13.75 -7.15
N PHE B 134 -12.02 -13.47 -8.15
CA PHE B 134 -10.71 -14.07 -8.29
C PHE B 134 -9.71 -12.98 -7.95
N LYS B 135 -8.98 -13.17 -6.87
CA LYS B 135 -8.07 -12.14 -6.31
C LYS B 135 -6.62 -12.49 -6.54
N LEU B 136 -5.76 -11.48 -6.68
CA LEU B 136 -4.31 -11.65 -6.60
C LEU B 136 -3.94 -11.61 -5.12
N ILE B 137 -3.20 -12.62 -4.68
CA ILE B 137 -2.75 -12.74 -3.29
C ILE B 137 -1.28 -13.19 -3.28
N LEU B 138 -0.66 -13.24 -2.10
CA LEU B 138 0.65 -13.85 -1.96
C LEU B 138 0.43 -15.19 -1.28
N ALA B 139 0.94 -16.26 -1.86
CA ALA B 139 0.71 -17.60 -1.29
C ALA B 139 1.97 -18.40 -1.17
N ALA B 140 2.06 -19.21 -0.11
CA ALA B 140 3.17 -20.12 0.02
C ALA B 140 2.93 -21.23 -1.00
N ALA B 141 3.93 -21.56 -1.78
CA ALA B 141 3.81 -22.68 -2.73
C ALA B 141 5.09 -23.49 -2.76
N ASP B 142 4.99 -24.79 -2.53
CA ASP B 142 6.17 -25.68 -2.54
C ASP B 142 6.29 -26.52 -3.81
N ALA B 143 5.18 -26.70 -4.54
CA ALA B 143 5.10 -27.64 -5.65
C ALA B 143 5.10 -26.92 -6.98
N ALA B 144 5.91 -27.39 -7.92
CA ALA B 144 6.04 -26.76 -9.24
C ALA B 144 4.78 -26.92 -10.06
N GLY B 145 4.00 -27.96 -9.78
CA GLY B 145 2.70 -28.15 -10.42
C GLY B 145 1.56 -27.30 -9.90
N ASP B 146 1.80 -26.43 -8.91
CA ASP B 146 0.72 -25.60 -8.35
C ASP B 146 0.19 -24.61 -9.39
N ARG B 147 -1.03 -24.81 -9.79
CA ARG B 147 -1.62 -24.05 -10.86
C ARG B 147 -2.00 -22.63 -10.49
N SER B 148 -2.23 -22.40 -9.22
CA SER B 148 -2.62 -21.09 -8.73
C SER B 148 -1.53 -20.03 -8.86
N ILE B 149 -0.26 -20.44 -8.99
CA ILE B 149 0.86 -19.50 -9.08
C ILE B 149 1.43 -19.36 -10.49
N MET B 150 0.73 -19.90 -11.48
CA MET B 150 1.19 -19.90 -12.86
C MET B 150 0.45 -18.80 -13.63
N PHE B 151 1.21 -18.01 -14.38
CA PHE B 151 0.65 -16.91 -15.14
C PHE B 151 1.21 -16.93 -16.55
N THR B 152 0.42 -16.42 -17.48
CA THR B 152 0.88 -16.07 -18.82
C THR B 152 1.23 -14.58 -18.84
N VAL B 153 2.39 -14.25 -19.36
CA VAL B 153 2.81 -12.87 -19.54
C VAL B 153 2.94 -12.61 -21.04
N GLN B 154 2.06 -11.81 -21.62
CA GLN B 154 2.19 -11.51 -23.04
C GLN B 154 2.79 -10.11 -23.17
N ASN B 155 3.75 -9.98 -24.06
CA ASN B 155 4.41 -8.72 -24.27
C ASN B 155 3.54 -7.80 -25.01
N GLU B 156 3.84 -6.53 -24.95
CA GLU B 156 2.92 -5.52 -25.48
C GLU B 156 3.62 -4.36 -26.22
N ASP B 157 4.97 -4.35 -26.27
CA ASP B 157 5.69 -3.15 -26.72
C ASP B 157 5.68 -3.03 -28.24
S DMS C . -11.36 -0.26 20.21
O DMS C . -11.78 -1.52 20.88
C1 DMS C . -11.35 1.01 21.35
C2 DMS C . -9.70 -0.40 19.81
S DMS D . -3.75 21.19 21.67
O DMS D . -2.60 22.11 21.75
C1 DMS D . -3.55 19.92 22.78
C2 DMS D . -5.15 21.95 22.31
S DMS E . -4.76 25.40 12.97
O DMS E . -3.44 25.10 12.37
C1 DMS E . -4.71 26.96 13.69
C2 DMS E . -5.93 25.62 11.74
C1 GOL F . -20.06 5.96 16.51
O1 GOL F . -20.85 7.09 16.07
C2 GOL F . -19.08 6.29 17.64
O2 GOL F . -18.30 5.12 17.98
C3 GOL F . -18.16 7.44 17.25
O3 GOL F . -16.86 7.40 17.88
S DMS G . 8.16 -24.00 -6.84
O DMS G . 8.36 -25.37 -6.30
C1 DMS G . 8.54 -24.02 -8.50
C2 DMS G . 6.50 -23.64 -6.76
S DMS H . -3.28 -26.20 -4.42
O DMS H . -3.23 -27.07 -5.62
C1 DMS H . -1.78 -26.26 -3.59
C2 DMS H . -3.33 -24.58 -4.92
C1 GOL I . 1.13 9.78 -13.77
O1 GOL I . 0.64 11.12 -13.90
C2 GOL I . 2.62 9.86 -13.47
O2 GOL I . 3.14 8.81 -14.25
C3 GOL I . 2.92 9.74 -11.98
O3 GOL I . 3.99 8.83 -11.59
#